data_8JUH
#
_entry.id   8JUH
#
_cell.length_a   60.210
_cell.length_b   77.753
_cell.length_c   61.346
_cell.angle_alpha   90.00
_cell.angle_beta   112.25
_cell.angle_gamma   90.00
#
_symmetry.space_group_name_H-M   'P 1 21 1'
#
loop_
_entity.id
_entity.type
_entity.pdbx_description
1 polymer 'Single chain fab antibody'
2 water water
#
_entity_poly.entity_id   1
_entity_poly.type   'polypeptide(L)'
_entity_poly.pdbx_seq_one_letter_code
;QVQLQESGPSLVKPSQTLSLTCTVSGFSITSDGVLWVRQAPGKALEWVGAIYQNGATYYNPALKSRLSITRDTSKSQVSL
SLSSVTTEDTAVYYCARDTDYDGMDVWGRGLLVTVSSGGGGSGGGGSGGGGSQAVLTQPSSVSGSLGQSVSITCSGSSSN
VGYGNYVSWFQQVPGSAPKLLIYGATSRASGVPDRFSGSRSGNTATLTISSLQAEDEADYYCASGDSGSSLVFGSGTRLT
VLGLE
;
_entity_poly.pdbx_strand_id   A,C
#
# COMPACT_ATOMS: atom_id res chain seq x y z
N GLN A 1 -16.30 9.98 -4.98
CA GLN A 1 -14.94 9.75 -5.59
C GLN A 1 -14.89 8.35 -6.22
N VAL A 2 -14.15 8.21 -7.31
CA VAL A 2 -13.95 6.91 -8.02
C VAL A 2 -13.05 6.04 -7.14
N GLN A 3 -13.49 4.81 -6.86
CA GLN A 3 -12.84 3.90 -5.89
C GLN A 3 -13.11 2.44 -6.29
N LEU A 4 -12.07 1.61 -6.30
CA LEU A 4 -12.15 0.14 -6.48
C LEU A 4 -11.43 -0.52 -5.30
N GLN A 5 -11.93 -1.67 -4.83
CA GLN A 5 -11.35 -2.43 -3.70
C GLN A 5 -11.49 -3.93 -3.97
N GLU A 6 -10.35 -4.63 -4.04
CA GLU A 6 -10.24 -6.11 -4.13
C GLU A 6 -10.48 -6.72 -2.74
N SER A 7 -11.38 -7.69 -2.63
CA SER A 7 -11.63 -8.48 -1.39
C SER A 7 -11.65 -9.97 -1.73
N GLY A 8 -11.50 -10.81 -0.71
CA GLY A 8 -11.42 -12.27 -0.84
C GLY A 8 -10.35 -12.81 0.09
N PRO A 9 -10.16 -14.15 0.13
CA PRO A 9 -9.25 -14.79 1.07
C PRO A 9 -7.80 -14.55 0.59
N SER A 10 -6.87 -14.40 1.54
CA SER A 10 -5.45 -14.06 1.27
C SER A 10 -4.60 -15.33 1.26
N LEU A 11 -5.15 -16.48 1.69
CA LEU A 11 -4.46 -17.79 1.61
C LEU A 11 -5.37 -18.81 0.93
N VAL A 12 -4.77 -19.61 0.06
CA VAL A 12 -5.43 -20.55 -0.88
C VAL A 12 -4.48 -21.77 -1.01
N LYS A 13 -4.99 -22.99 -0.83
CA LYS A 13 -4.15 -24.23 -0.92
C LYS A 13 -4.02 -24.67 -2.37
N PRO A 14 -2.85 -25.24 -2.77
CA PRO A 14 -2.65 -25.69 -4.14
C PRO A 14 -3.84 -26.51 -4.66
N SER A 15 -4.14 -26.33 -5.95
CA SER A 15 -5.12 -27.09 -6.76
C SER A 15 -6.55 -26.59 -6.56
N GLN A 16 -6.78 -25.69 -5.60
CA GLN A 16 -8.10 -25.08 -5.30
C GLN A 16 -8.35 -23.84 -6.18
N THR A 17 -9.56 -23.33 -6.13
CA THR A 17 -9.95 -22.09 -6.88
C THR A 17 -9.75 -20.84 -6.01
N LEU A 18 -8.95 -19.90 -6.53
CA LEU A 18 -8.80 -18.50 -6.05
C LEU A 18 -9.95 -17.63 -6.58
N SER A 19 -10.82 -17.13 -5.68
CA SER A 19 -12.02 -16.29 -5.95
C SER A 19 -11.87 -14.93 -5.28
N LEU A 20 -11.89 -13.88 -6.09
CA LEU A 20 -11.75 -12.48 -5.61
C LEU A 20 -12.97 -11.72 -6.09
N THR A 21 -13.36 -10.71 -5.33
CA THR A 21 -14.42 -9.75 -5.69
C THR A 21 -13.77 -8.36 -5.71
N CYS A 22 -14.13 -7.56 -6.70
CA CYS A 22 -13.78 -6.13 -6.80
C CYS A 22 -15.06 -5.33 -6.60
N THR A 23 -15.11 -4.46 -5.58
CA THR A 23 -16.28 -3.62 -5.25
C THR A 23 -15.97 -2.19 -5.68
N VAL A 24 -16.87 -1.62 -6.49
CA VAL A 24 -16.68 -0.39 -7.29
C VAL A 24 -17.67 0.64 -6.74
N SER A 25 -17.26 1.90 -6.64
CA SER A 25 -18.13 3.02 -6.17
C SER A 25 -17.74 4.29 -6.91
N GLY A 26 -18.69 5.20 -7.10
CA GLY A 26 -18.46 6.49 -7.76
C GLY A 26 -18.61 6.40 -9.27
N PHE A 27 -18.91 5.22 -9.80
CA PHE A 27 -19.15 5.04 -11.26
C PHE A 27 -19.81 3.69 -11.46
N SER A 28 -20.43 3.52 -12.63
CA SER A 28 -21.21 2.31 -13.00
C SER A 28 -20.34 1.39 -13.88
N ILE A 29 -20.37 0.10 -13.59
CA ILE A 29 -19.64 -0.96 -14.34
C ILE A 29 -20.25 -1.10 -15.76
N THR A 30 -21.40 -0.47 -16.02
CA THR A 30 -22.02 -0.38 -17.37
C THR A 30 -21.49 0.84 -18.15
N SER A 31 -20.68 1.72 -17.54
CA SER A 31 -20.08 2.90 -18.19
C SER A 31 -18.57 2.71 -18.43
N ASP A 32 -17.90 1.98 -17.52
CA ASP A 32 -16.43 1.75 -17.58
C ASP A 32 -16.12 0.26 -17.39
N GLY A 33 -15.13 -0.22 -18.14
CA GLY A 33 -14.57 -1.57 -17.99
C GLY A 33 -13.80 -1.70 -16.69
N VAL A 34 -13.59 -2.94 -16.25
CA VAL A 34 -12.80 -3.30 -15.05
C VAL A 34 -11.81 -4.34 -15.51
N LEU A 35 -10.51 -4.15 -15.26
CA LEU A 35 -9.49 -5.18 -15.54
C LEU A 35 -8.80 -5.62 -14.25
N TRP A 36 -8.25 -6.81 -14.28
CA TRP A 36 -7.43 -7.39 -13.21
C TRP A 36 -6.00 -7.46 -13.70
N VAL A 37 -5.09 -7.06 -12.84
CA VAL A 37 -3.62 -7.13 -13.08
C VAL A 37 -3.06 -7.79 -11.85
N ARG A 38 -2.05 -8.62 -12.00
CA ARG A 38 -1.38 -9.20 -10.82
C ARG A 38 0.13 -8.98 -10.91
N GLN A 39 0.78 -9.10 -9.77
CA GLN A 39 2.24 -8.94 -9.65
C GLN A 39 2.79 -9.97 -8.67
N ALA A 40 3.53 -10.95 -9.20
CA ALA A 40 4.35 -11.91 -8.41
C ALA A 40 5.43 -11.10 -7.66
N PRO A 41 5.73 -11.42 -6.39
CA PRO A 41 6.74 -10.67 -5.63
C PRO A 41 8.06 -10.50 -6.41
N GLY A 42 8.57 -9.26 -6.47
CA GLY A 42 9.73 -8.90 -7.32
C GLY A 42 9.60 -9.55 -8.69
N LYS A 43 8.54 -9.19 -9.42
CA LYS A 43 8.31 -9.55 -10.84
C LYS A 43 7.57 -8.40 -11.53
N ALA A 44 7.42 -8.45 -12.85
CA ALA A 44 6.69 -7.43 -13.61
C ALA A 44 5.16 -7.57 -13.37
N LEU A 45 4.42 -6.53 -13.72
CA LEU A 45 2.94 -6.54 -13.82
C LEU A 45 2.52 -7.58 -14.86
N GLU A 46 1.39 -8.25 -14.69
CA GLU A 46 0.90 -9.23 -15.69
C GLU A 46 -0.61 -9.04 -15.85
N TRP A 47 -1.06 -8.80 -17.08
CA TRP A 47 -2.49 -8.66 -17.42
C TRP A 47 -3.18 -9.99 -17.16
N VAL A 48 -4.29 -9.98 -16.43
CA VAL A 48 -5.04 -11.20 -16.07
C VAL A 48 -6.22 -11.31 -17.02
N GLY A 49 -7.02 -10.25 -17.11
CA GLY A 49 -8.22 -10.19 -17.94
C GLY A 49 -9.00 -8.91 -17.71
N ALA A 50 -10.07 -8.72 -18.48
CA ALA A 50 -10.90 -7.50 -18.48
C ALA A 50 -12.35 -7.88 -18.75
N ILE A 51 -13.29 -7.15 -18.18
CA ILE A 51 -14.74 -7.24 -18.50
C ILE A 51 -15.23 -5.83 -18.80
N TYR A 52 -15.82 -5.62 -19.97
CA TYR A 52 -16.25 -4.30 -20.50
C TYR A 52 -17.71 -4.00 -20.14
N GLN A 53 -18.22 -2.89 -20.69
CA GLN A 53 -19.55 -2.31 -20.36
C GLN A 53 -20.66 -3.27 -20.78
N ASN A 54 -20.56 -3.94 -21.94
CA ASN A 54 -21.55 -4.96 -22.40
C ASN A 54 -21.31 -6.30 -21.70
N GLY A 55 -20.32 -6.40 -20.83
CA GLY A 55 -19.96 -7.65 -20.13
C GLY A 55 -19.12 -8.57 -20.98
N ALA A 56 -18.72 -8.11 -22.17
CA ALA A 56 -17.74 -8.78 -23.05
C ALA A 56 -16.46 -9.01 -22.24
N THR A 57 -15.94 -10.24 -22.23
CA THR A 57 -14.77 -10.66 -21.41
C THR A 57 -13.56 -10.99 -22.30
N TYR A 58 -12.37 -10.71 -21.80
CA TYR A 58 -11.08 -10.96 -22.47
C TYR A 58 -10.10 -11.54 -21.45
N TYR A 59 -9.24 -12.47 -21.87
CA TYR A 59 -8.34 -13.21 -20.98
C TYR A 59 -6.93 -13.21 -21.55
N ASN A 60 -5.97 -13.20 -20.64
CA ASN A 60 -4.54 -13.49 -20.91
C ASN A 60 -4.47 -14.90 -21.47
N PRO A 61 -4.03 -15.09 -22.73
CA PRO A 61 -3.97 -16.42 -23.33
C PRO A 61 -3.29 -17.46 -22.41
N ALA A 62 -2.24 -17.05 -21.69
CA ALA A 62 -1.46 -17.93 -20.79
C ALA A 62 -2.31 -18.43 -19.61
N LEU A 63 -3.35 -17.70 -19.19
CA LEU A 63 -4.16 -18.02 -17.99
C LEU A 63 -5.57 -18.44 -18.40
N LYS A 64 -5.89 -18.39 -19.70
CA LYS A 64 -7.27 -18.60 -20.24
C LYS A 64 -7.85 -19.95 -19.79
N SER A 65 -7.06 -21.01 -19.81
CA SER A 65 -7.54 -22.37 -19.42
C SER A 65 -8.18 -22.34 -18.02
N ARG A 66 -7.75 -21.47 -17.09
CA ARG A 66 -8.18 -21.55 -15.66
C ARG A 66 -9.06 -20.35 -15.26
N LEU A 67 -9.36 -19.42 -16.16
CA LEU A 67 -9.94 -18.10 -15.80
C LEU A 67 -11.45 -18.02 -16.09
N SER A 68 -12.20 -17.49 -15.12
CA SER A 68 -13.59 -17.00 -15.26
C SER A 68 -13.67 -15.56 -14.71
N ILE A 69 -14.15 -14.59 -15.50
CA ILE A 69 -14.51 -13.25 -14.96
C ILE A 69 -16.01 -12.99 -15.18
N THR A 70 -16.71 -12.61 -14.12
CA THR A 70 -18.16 -12.32 -14.13
C THR A 70 -18.40 -10.98 -13.44
N ARG A 71 -19.62 -10.48 -13.54
CA ARG A 71 -20.01 -9.15 -13.02
C ARG A 71 -21.40 -9.30 -12.42
N ASP A 72 -21.72 -8.44 -11.44
CA ASP A 72 -23.10 -8.21 -10.94
C ASP A 72 -23.32 -6.69 -10.83
N THR A 73 -24.04 -6.13 -11.80
CA THR A 73 -24.19 -4.67 -12.03
C THR A 73 -25.00 -4.04 -10.88
N SER A 74 -25.91 -4.79 -10.24
CA SER A 74 -26.78 -4.33 -9.12
C SER A 74 -25.96 -4.09 -7.85
N LYS A 75 -25.09 -5.04 -7.48
CA LYS A 75 -24.14 -4.90 -6.33
C LYS A 75 -22.85 -4.18 -6.76
N SER A 76 -22.70 -3.77 -8.03
CA SER A 76 -21.49 -3.11 -8.57
C SER A 76 -20.25 -3.94 -8.24
N GLN A 77 -20.27 -5.23 -8.57
CA GLN A 77 -19.16 -6.17 -8.23
C GLN A 77 -18.68 -6.84 -9.52
N VAL A 78 -17.38 -7.07 -9.59
CA VAL A 78 -16.73 -7.90 -10.63
C VAL A 78 -16.00 -9.02 -9.90
N SER A 79 -16.23 -10.26 -10.33
CA SER A 79 -15.64 -11.46 -9.71
C SER A 79 -14.51 -11.97 -10.59
N LEU A 80 -13.52 -12.54 -9.94
CA LEU A 80 -12.42 -13.27 -10.58
C LEU A 80 -12.33 -14.64 -9.89
N SER A 81 -12.40 -15.69 -10.69
CA SER A 81 -12.11 -17.09 -10.31
C SER A 81 -10.88 -17.56 -11.09
N LEU A 82 -9.85 -18.03 -10.41
CA LEU A 82 -8.71 -18.69 -11.08
C LEU A 82 -8.56 -20.08 -10.44
N SER A 83 -8.78 -21.13 -11.23
CA SER A 83 -8.77 -22.54 -10.73
C SER A 83 -7.36 -23.12 -10.89
N SER A 84 -7.13 -24.28 -10.25
CA SER A 84 -5.92 -25.12 -10.38
C SER A 84 -4.67 -24.33 -9.98
N VAL A 85 -4.72 -23.58 -8.87
CA VAL A 85 -3.63 -22.64 -8.47
C VAL A 85 -2.43 -23.42 -7.94
N THR A 86 -1.24 -22.91 -8.20
CA THR A 86 0.07 -23.38 -7.69
C THR A 86 0.77 -22.17 -7.06
N THR A 87 1.93 -22.34 -6.45
CA THR A 87 2.74 -21.25 -5.85
C THR A 87 2.96 -20.12 -6.86
N GLU A 88 3.08 -20.46 -8.16
CA GLU A 88 3.26 -19.54 -9.31
C GLU A 88 2.10 -18.52 -9.40
N ASP A 89 0.98 -18.73 -8.73
CA ASP A 89 -0.17 -17.78 -8.76
C ASP A 89 -0.15 -16.86 -7.54
N THR A 90 0.76 -17.08 -6.58
CA THR A 90 1.03 -16.13 -5.46
C THR A 90 1.37 -14.77 -6.06
N ALA A 91 0.63 -13.71 -5.71
CA ALA A 91 0.81 -12.36 -6.31
C ALA A 91 -0.04 -11.32 -5.56
N VAL A 92 0.28 -10.04 -5.75
CA VAL A 92 -0.68 -8.94 -5.46
C VAL A 92 -1.62 -8.86 -6.66
N TYR A 93 -2.93 -8.95 -6.39
CA TYR A 93 -4.01 -8.86 -7.39
C TYR A 93 -4.62 -7.47 -7.30
N TYR A 94 -4.54 -6.74 -8.41
CA TYR A 94 -5.00 -5.34 -8.57
C TYR A 94 -6.25 -5.36 -9.42
N CYS A 95 -7.25 -4.64 -8.94
CA CYS A 95 -8.46 -4.27 -9.69
C CYS A 95 -8.20 -2.88 -10.29
N ALA A 96 -8.57 -2.62 -11.55
CA ALA A 96 -8.45 -1.27 -12.14
C ALA A 96 -9.60 -0.98 -13.11
N ARG A 97 -9.97 0.29 -13.22
CA ARG A 97 -10.96 0.83 -14.19
C ARG A 97 -10.29 1.04 -15.56
N ASP A 98 -11.07 0.94 -16.64
CA ASP A 98 -10.63 1.26 -18.02
C ASP A 98 -11.72 2.12 -18.65
N THR A 99 -11.37 3.33 -19.06
CA THR A 99 -12.32 4.41 -19.44
C THR A 99 -12.23 4.67 -20.95
N ASP A 100 -13.30 5.20 -21.53
CA ASP A 100 -13.34 5.61 -22.96
C ASP A 100 -12.21 6.61 -23.22
N TYR A 101 -12.01 7.63 -22.36
CA TYR A 101 -11.15 8.80 -22.70
C TYR A 101 -10.12 9.14 -21.61
N ASP A 102 -10.04 8.40 -20.51
CA ASP A 102 -9.11 8.71 -19.38
C ASP A 102 -8.05 7.60 -19.25
N GLY A 103 -8.14 6.54 -20.06
CA GLY A 103 -7.31 5.34 -19.94
C GLY A 103 -7.56 4.58 -18.64
N MET A 104 -6.61 3.76 -18.22
CA MET A 104 -6.72 2.93 -16.99
C MET A 104 -6.25 3.80 -15.83
N ASP A 105 -7.12 4.71 -15.40
CA ASP A 105 -6.78 5.90 -14.57
C ASP A 105 -6.87 5.60 -13.07
N VAL A 106 -7.79 4.73 -12.63
CA VAL A 106 -7.98 4.48 -11.17
C VAL A 106 -7.77 2.99 -10.86
N TRP A 107 -7.07 2.71 -9.78
CA TRP A 107 -6.60 1.37 -9.35
C TRP A 107 -7.03 1.10 -7.93
N GLY A 108 -7.40 -0.13 -7.62
CA GLY A 108 -7.52 -0.59 -6.23
C GLY A 108 -6.14 -0.62 -5.62
N ARG A 109 -6.05 -0.81 -4.30
CA ARG A 109 -4.78 -0.77 -3.53
C ARG A 109 -4.07 -2.13 -3.64
N GLY A 110 -4.79 -3.16 -4.09
CA GLY A 110 -4.23 -4.50 -4.32
C GLY A 110 -4.39 -5.37 -3.09
N LEU A 111 -4.56 -6.68 -3.30
CA LEU A 111 -4.67 -7.73 -2.25
C LEU A 111 -3.61 -8.79 -2.51
N LEU A 112 -2.77 -9.09 -1.53
CA LEU A 112 -1.82 -10.23 -1.68
C LEU A 112 -2.61 -11.51 -1.44
N VAL A 113 -2.41 -12.50 -2.32
CA VAL A 113 -2.91 -13.90 -2.18
C VAL A 113 -1.69 -14.82 -2.27
N THR A 114 -1.47 -15.63 -1.22
CA THR A 114 -0.37 -16.62 -1.13
C THR A 114 -0.97 -17.99 -1.44
N VAL A 115 -0.47 -18.67 -2.45
CA VAL A 115 -0.81 -20.10 -2.69
C VAL A 115 0.24 -20.92 -1.97
N SER A 116 -0.13 -21.59 -0.87
CA SER A 116 0.80 -22.26 0.07
C SER A 116 0.18 -23.49 0.77
N SER A 117 1.06 -24.45 1.10
CA SER A 117 0.98 -25.35 2.30
C SER A 117 2.33 -26.03 2.56
N GLY A 118 2.96 -25.70 3.71
CA GLY A 118 4.26 -26.22 4.17
C GLY A 118 4.13 -26.91 5.52
N VAL A 135 5.63 -10.12 -25.64
CA VAL A 135 6.99 -9.68 -25.15
C VAL A 135 7.21 -8.20 -25.45
N LEU A 136 7.17 -7.33 -24.42
CA LEU A 136 7.61 -5.91 -24.48
C LEU A 136 8.89 -5.74 -23.64
N THR A 137 9.95 -5.28 -24.28
CA THR A 137 11.34 -5.20 -23.75
C THR A 137 11.63 -3.77 -23.29
N GLN A 138 11.95 -3.60 -22.00
CA GLN A 138 12.47 -2.33 -21.44
C GLN A 138 13.86 -2.59 -20.88
N PRO A 139 14.79 -1.62 -20.97
CA PRO A 139 16.00 -1.61 -20.14
C PRO A 139 15.67 -1.81 -18.65
N SER A 140 16.39 -2.71 -17.98
CA SER A 140 16.08 -3.16 -16.60
C SER A 140 16.29 -1.99 -15.62
N SER A 141 17.22 -1.09 -15.91
CA SER A 141 17.64 -0.01 -14.97
C SER A 141 18.14 1.22 -15.74
N VAL A 142 17.90 2.41 -15.20
CA VAL A 142 18.27 3.71 -15.82
C VAL A 142 18.47 4.71 -14.67
N SER A 143 19.32 5.71 -14.87
CA SER A 143 19.61 6.75 -13.85
C SER A 143 19.67 8.12 -14.52
N GLY A 144 19.36 9.16 -13.74
CA GLY A 144 19.59 10.57 -14.07
C GLY A 144 19.83 11.37 -12.80
N SER A 145 20.43 12.54 -12.93
CA SER A 145 20.65 13.49 -11.81
C SER A 145 19.44 14.42 -11.70
N LEU A 146 19.14 14.91 -10.48
CA LEU A 146 18.11 15.94 -10.22
C LEU A 146 18.19 17.00 -11.31
N GLY A 147 17.05 17.40 -11.88
CA GLY A 147 16.94 18.57 -12.79
C GLY A 147 17.12 18.22 -14.25
N GLN A 148 17.51 16.98 -14.56
CA GLN A 148 17.99 16.51 -15.89
C GLN A 148 16.92 15.58 -16.51
N SER A 149 16.97 15.37 -17.83
CA SER A 149 16.07 14.47 -18.60
C SER A 149 16.43 13.01 -18.38
N VAL A 150 15.48 12.11 -18.62
CA VAL A 150 15.62 10.63 -18.62
C VAL A 150 14.63 10.06 -19.64
N SER A 151 15.05 9.12 -20.48
CA SER A 151 14.23 8.46 -21.52
C SER A 151 14.18 6.96 -21.27
N ILE A 152 12.99 6.36 -21.31
CA ILE A 152 12.76 4.89 -21.18
C ILE A 152 12.01 4.46 -22.42
N THR A 153 12.54 3.50 -23.17
CA THR A 153 11.88 2.94 -24.37
C THR A 153 11.34 1.54 -24.04
N CYS A 154 10.25 1.13 -24.66
CA CYS A 154 9.79 -0.29 -24.66
C CYS A 154 9.72 -0.71 -26.13
N SER A 155 10.46 -1.77 -26.44
CA SER A 155 10.51 -2.43 -27.77
C SER A 155 9.40 -3.47 -27.84
N GLY A 156 8.66 -3.50 -28.96
CA GLY A 156 7.60 -4.49 -29.22
C GLY A 156 7.56 -4.92 -30.69
N SER A 157 6.36 -4.91 -31.27
CA SER A 157 6.06 -5.40 -32.64
C SER A 157 4.81 -4.69 -33.20
N SER A 158 4.53 -4.95 -34.48
CA SER A 158 3.47 -4.31 -35.30
C SER A 158 2.06 -4.70 -34.83
N SER A 159 1.92 -5.81 -34.09
CA SER A 159 0.61 -6.27 -33.55
C SER A 159 0.29 -5.50 -32.26
N ASN A 160 1.30 -5.08 -31.48
CA ASN A 160 1.08 -4.37 -30.19
C ASN A 160 1.52 -2.90 -30.34
N VAL A 161 2.73 -2.55 -29.90
CA VAL A 161 3.27 -1.15 -29.87
C VAL A 161 3.15 -0.57 -31.28
N GLY A 162 3.59 -1.36 -32.27
CA GLY A 162 3.60 -0.99 -33.69
C GLY A 162 2.21 -0.71 -34.23
N TYR A 163 1.17 -1.41 -33.76
CA TYR A 163 -0.22 -1.26 -34.25
C TYR A 163 -0.67 0.18 -33.98
N GLY A 164 -1.64 0.40 -33.10
CA GLY A 164 -2.28 1.72 -32.93
C GLY A 164 -1.59 2.57 -31.88
N ASN A 165 -2.24 3.69 -31.53
CA ASN A 165 -1.90 4.55 -30.37
C ASN A 165 -2.64 3.99 -29.16
N TYR A 166 -2.24 2.79 -28.73
CA TYR A 166 -2.88 2.00 -27.64
C TYR A 166 -1.86 1.79 -26.53
N VAL A 167 -0.91 2.72 -26.40
CA VAL A 167 0.27 2.57 -25.52
C VAL A 167 0.03 3.39 -24.27
N SER A 168 0.16 2.75 -23.10
CA SER A 168 0.10 3.38 -21.76
C SER A 168 1.48 3.28 -21.10
N TRP A 169 1.74 4.13 -20.10
CA TRP A 169 2.93 4.07 -19.22
C TRP A 169 2.49 4.20 -17.78
N PHE A 170 3.03 3.37 -16.89
CA PHE A 170 2.73 3.40 -15.44
C PHE A 170 3.99 3.61 -14.61
N GLN A 171 3.78 4.29 -13.49
CA GLN A 171 4.72 4.45 -12.37
C GLN A 171 4.23 3.57 -11.22
N GLN A 172 5.13 2.80 -10.62
CA GLN A 172 4.85 2.04 -9.39
C GLN A 172 5.98 2.29 -8.39
N VAL A 173 5.65 2.99 -7.31
CA VAL A 173 6.44 2.99 -6.06
C VAL A 173 6.19 1.63 -5.39
N PRO A 174 7.21 0.76 -5.23
CA PRO A 174 6.99 -0.54 -4.61
C PRO A 174 6.23 -0.37 -3.27
N GLY A 175 5.23 -1.25 -3.06
CA GLY A 175 4.24 -1.18 -1.97
C GLY A 175 2.93 -0.54 -2.39
N SER A 176 2.86 0.01 -3.61
CA SER A 176 1.78 0.92 -4.09
C SER A 176 1.21 0.42 -5.43
N ALA A 177 -0.06 0.74 -5.67
CA ALA A 177 -0.75 0.45 -6.95
C ALA A 177 -0.02 1.21 -8.04
N PRO A 178 0.08 0.67 -9.26
CA PRO A 178 0.55 1.46 -10.39
C PRO A 178 -0.26 2.75 -10.52
N LYS A 179 0.38 3.79 -11.03
CA LYS A 179 -0.27 5.07 -11.34
C LYS A 179 -0.15 5.33 -12.85
N LEU A 180 -1.25 5.64 -13.54
CA LEU A 180 -1.26 5.95 -15.00
C LEU A 180 -0.55 7.30 -15.23
N LEU A 181 0.38 7.33 -16.19
CA LEU A 181 1.10 8.57 -16.61
C LEU A 181 0.60 9.03 -17.98
N ILE A 182 0.64 8.12 -18.95
CA ILE A 182 0.39 8.39 -20.39
C ILE A 182 -0.56 7.31 -20.90
N TYR A 183 -1.42 7.66 -21.85
CA TYR A 183 -2.33 6.72 -22.54
C TYR A 183 -2.42 7.22 -23.98
N GLY A 184 -2.85 6.36 -24.91
CA GLY A 184 -2.89 6.69 -26.35
C GLY A 184 -1.54 7.19 -26.83
N ALA A 185 -0.44 6.59 -26.31
CA ALA A 185 0.99 6.72 -26.70
C ALA A 185 1.61 8.01 -26.17
N THR A 186 0.78 9.05 -26.01
CA THR A 186 1.16 10.46 -26.19
C THR A 186 0.39 11.38 -25.24
N SER A 187 -0.81 11.00 -24.82
CA SER A 187 -1.71 11.83 -24.00
C SER A 187 -1.37 11.65 -22.52
N ARG A 188 -1.30 12.76 -21.78
CA ARG A 188 -0.97 12.76 -20.33
C ARG A 188 -2.25 12.48 -19.53
N ALA A 189 -2.19 11.54 -18.58
CA ALA A 189 -3.30 11.24 -17.64
C ALA A 189 -3.60 12.48 -16.78
N SER A 190 -4.85 12.60 -16.34
CA SER A 190 -5.33 13.73 -15.51
C SER A 190 -4.54 13.79 -14.21
N GLY A 191 -3.95 14.97 -13.91
CA GLY A 191 -3.23 15.26 -12.66
C GLY A 191 -1.76 14.92 -12.75
N VAL A 192 -1.29 14.47 -13.91
CA VAL A 192 0.11 14.07 -14.15
C VAL A 192 0.89 15.31 -14.57
N PRO A 193 2.01 15.64 -13.87
CA PRO A 193 2.82 16.81 -14.22
C PRO A 193 3.29 16.68 -15.67
N ASP A 194 3.52 17.79 -16.35
CA ASP A 194 3.86 17.81 -17.81
C ASP A 194 5.38 17.61 -18.03
N ARG A 195 6.14 17.32 -16.98
CA ARG A 195 7.54 16.86 -17.16
C ARG A 195 7.54 15.39 -17.64
N PHE A 196 6.39 14.72 -17.67
CA PHE A 196 6.21 13.38 -18.31
C PHE A 196 5.62 13.58 -19.70
N SER A 197 6.27 13.06 -20.74
CA SER A 197 5.72 13.01 -22.12
C SER A 197 5.95 11.63 -22.76
N GLY A 198 5.10 11.28 -23.72
CA GLY A 198 5.16 10.01 -24.46
C GLY A 198 5.34 10.25 -25.94
N SER A 199 6.18 9.45 -26.57
CA SER A 199 6.36 9.45 -28.04
C SER A 199 6.31 8.00 -28.52
N ARG A 200 6.06 7.83 -29.81
CA ARG A 200 5.95 6.50 -30.44
C ARG A 200 6.53 6.61 -31.85
N SER A 201 7.42 5.69 -32.20
CA SER A 201 8.13 5.61 -33.50
C SER A 201 8.28 4.15 -33.90
N GLY A 202 7.43 3.68 -34.82
CA GLY A 202 7.41 2.27 -35.27
C GLY A 202 6.97 1.34 -34.16
N ASN A 203 7.82 0.36 -33.80
CA ASN A 203 7.51 -0.73 -32.84
C ASN A 203 8.04 -0.37 -31.46
N THR A 204 8.25 0.93 -31.24
CA THR A 204 8.99 1.49 -30.09
C THR A 204 8.22 2.70 -29.56
N ALA A 205 7.97 2.70 -28.25
CA ALA A 205 7.38 3.82 -27.49
C ALA A 205 8.40 4.31 -26.48
N THR A 206 8.43 5.61 -26.23
CA THR A 206 9.39 6.27 -25.32
C THR A 206 8.62 7.13 -24.33
N LEU A 207 8.95 7.00 -23.03
CA LEU A 207 8.58 7.92 -21.94
C LEU A 207 9.78 8.80 -21.65
N THR A 208 9.60 10.12 -21.66
CA THR A 208 10.61 11.11 -21.25
C THR A 208 10.16 11.82 -19.97
N ILE A 209 11.05 11.87 -18.98
CA ILE A 209 10.90 12.63 -17.71
C ILE A 209 11.92 13.76 -17.77
N SER A 210 11.48 15.02 -17.75
CA SER A 210 12.25 16.22 -18.22
C SER A 210 12.91 16.98 -17.07
N SER A 211 12.52 16.81 -15.80
CA SER A 211 13.04 17.65 -14.69
C SER A 211 13.10 16.83 -13.40
N LEU A 212 13.88 15.75 -13.45
CA LEU A 212 13.85 14.65 -12.46
C LEU A 212 13.76 15.22 -11.05
N GLN A 213 12.73 14.82 -10.30
CA GLN A 213 12.58 15.10 -8.86
C GLN A 213 12.80 13.78 -8.13
N ALA A 214 13.17 13.82 -6.84
CA ALA A 214 13.59 12.64 -6.05
C ALA A 214 12.42 11.65 -5.88
N GLU A 215 11.17 12.13 -5.93
CA GLU A 215 9.95 11.27 -5.79
C GLU A 215 9.68 10.50 -7.11
N ASP A 216 10.40 10.81 -8.20
CA ASP A 216 10.31 10.12 -9.51
C ASP A 216 11.05 8.78 -9.47
N GLU A 217 11.84 8.55 -8.43
CA GLU A 217 12.46 7.23 -8.15
C GLU A 217 11.36 6.17 -7.95
N ALA A 218 11.33 5.14 -8.81
CA ALA A 218 10.21 4.17 -8.91
C ALA A 218 10.41 3.24 -10.10
N ASP A 219 9.55 2.22 -10.20
CA ASP A 219 9.48 1.30 -11.36
C ASP A 219 8.50 1.89 -12.37
N TYR A 220 8.80 1.70 -13.66
CA TYR A 220 8.05 2.23 -14.83
C TYR A 220 7.75 1.06 -15.77
N TYR A 221 6.47 0.91 -16.15
CA TYR A 221 5.98 -0.17 -17.05
C TYR A 221 5.30 0.44 -18.27
N CYS A 222 5.73 0.01 -19.45
CA CYS A 222 5.04 0.13 -20.75
C CYS A 222 3.93 -0.91 -20.76
N ALA A 223 2.75 -0.58 -21.27
CA ALA A 223 1.66 -1.51 -21.57
C ALA A 223 1.10 -1.16 -22.94
N SER A 224 0.70 -2.19 -23.70
CA SER A 224 0.18 -2.05 -25.09
C SER A 224 -1.04 -2.93 -25.32
N GLY A 225 -2.09 -2.33 -25.89
CA GLY A 225 -3.10 -3.04 -26.68
C GLY A 225 -2.38 -3.97 -27.63
N ASP A 226 -3.08 -4.99 -28.14
CA ASP A 226 -2.46 -6.10 -28.90
C ASP A 226 -3.51 -6.69 -29.86
N SER A 227 -3.08 -7.11 -31.06
CA SER A 227 -3.92 -7.49 -32.22
C SER A 227 -4.80 -8.70 -31.89
N GLY A 228 -4.37 -9.55 -30.93
CA GLY A 228 -5.18 -10.64 -30.32
C GLY A 228 -6.08 -10.16 -29.18
N SER A 229 -6.63 -8.94 -29.29
CA SER A 229 -7.50 -8.22 -28.32
C SER A 229 -7.05 -8.44 -26.87
N SER A 230 -5.73 -8.60 -26.67
CA SER A 230 -5.10 -8.75 -25.35
C SER A 230 -4.46 -7.41 -24.96
N LEU A 231 -3.98 -7.32 -23.72
CA LEU A 231 -3.16 -6.22 -23.17
C LEU A 231 -1.88 -6.83 -22.62
N VAL A 232 -0.72 -6.28 -22.98
CA VAL A 232 0.59 -6.79 -22.52
C VAL A 232 1.40 -5.65 -21.87
N PHE A 233 2.08 -5.95 -20.77
CA PHE A 233 2.99 -5.04 -20.03
C PHE A 233 4.44 -5.34 -20.42
N GLY A 234 5.32 -4.34 -20.30
CA GLY A 234 6.79 -4.49 -20.46
C GLY A 234 7.42 -5.06 -19.21
N SER A 235 8.73 -5.28 -19.24
CA SER A 235 9.51 -5.94 -18.17
C SER A 235 9.75 -4.98 -16.99
N GLY A 236 9.41 -3.70 -17.16
CA GLY A 236 9.60 -2.67 -16.11
C GLY A 236 11.00 -2.09 -16.15
N THR A 237 11.16 -0.89 -15.58
CA THR A 237 12.44 -0.14 -15.49
C THR A 237 12.53 0.49 -14.10
N ARG A 238 13.56 0.14 -13.34
CA ARG A 238 13.94 0.77 -12.05
C ARG A 238 14.69 2.07 -12.41
N LEU A 239 14.12 3.22 -12.05
CA LEU A 239 14.78 4.53 -12.19
C LEU A 239 15.37 4.95 -10.83
N THR A 240 16.64 5.36 -10.87
CA THR A 240 17.41 5.98 -9.75
C THR A 240 17.70 7.46 -10.07
N VAL A 241 17.53 8.31 -9.06
CA VAL A 241 17.86 9.77 -9.12
C VAL A 241 19.15 9.98 -8.33
N LEU A 242 20.24 10.30 -9.03
CA LEU A 242 21.58 10.59 -8.42
C LEU A 242 21.47 11.95 -7.69
N GLY A 243 22.00 12.01 -6.46
CA GLY A 243 21.97 13.19 -5.57
C GLY A 243 23.12 14.14 -5.87
N GLN B 1 -16.26 -8.43 7.90
CA GLN B 1 -14.77 -8.28 7.92
C GLN B 1 -14.40 -6.86 8.39
N VAL B 2 -13.41 -6.77 9.27
CA VAL B 2 -12.98 -5.50 9.92
C VAL B 2 -12.14 -4.69 8.91
N GLN B 3 -12.64 -3.50 8.52
CA GLN B 3 -12.02 -2.57 7.54
C GLN B 3 -11.98 -1.15 8.12
N LEU B 4 -10.87 -0.43 7.92
CA LEU B 4 -10.75 1.03 8.17
C LEU B 4 -10.16 1.67 6.91
N GLN B 5 -10.70 2.80 6.49
CA GLN B 5 -10.31 3.49 5.25
C GLN B 5 -10.25 5.01 5.52
N GLU B 6 -9.06 5.60 5.39
CA GLU B 6 -8.81 7.07 5.44
C GLU B 6 -9.26 7.73 4.12
N SER B 7 -9.85 8.93 4.17
CA SER B 7 -10.18 9.74 2.96
C SER B 7 -10.08 11.25 3.22
N GLY B 8 -10.00 12.02 2.13
CA GLY B 8 -9.94 13.49 2.15
C GLY B 8 -8.91 14.01 1.16
N PRO B 9 -8.71 15.34 1.10
CA PRO B 9 -7.72 15.95 0.21
C PRO B 9 -6.30 15.38 0.41
N SER B 10 -5.65 15.09 -0.73
CA SER B 10 -4.26 14.59 -0.86
C SER B 10 -3.29 15.77 -1.02
N LEU B 11 -3.82 16.98 -1.17
CA LEU B 11 -3.06 18.25 -1.31
C LEU B 11 -3.67 19.31 -0.39
N VAL B 12 -2.83 20.01 0.37
CA VAL B 12 -3.25 21.05 1.37
C VAL B 12 -2.21 22.17 1.28
N LYS B 13 -2.65 23.42 1.32
CA LYS B 13 -1.75 24.59 1.26
C LYS B 13 -1.25 24.93 2.67
N PRO B 14 0.03 25.34 2.81
CA PRO B 14 0.59 25.72 4.10
C PRO B 14 -0.34 26.74 4.78
N SER B 15 -0.56 26.56 6.10
CA SER B 15 -1.42 27.41 6.97
C SER B 15 -2.89 27.00 6.93
N GLN B 16 -3.34 26.19 5.96
CA GLN B 16 -4.72 25.62 5.91
C GLN B 16 -4.87 24.48 6.93
N THR B 17 -6.11 24.04 7.14
CA THR B 17 -6.45 22.85 7.95
C THR B 17 -6.49 21.60 7.07
N LEU B 18 -5.67 20.60 7.41
CA LEU B 18 -5.68 19.20 6.90
C LEU B 18 -6.81 18.42 7.58
N SER B 19 -7.86 18.04 6.83
CA SER B 19 -9.06 17.32 7.32
C SER B 19 -9.18 15.93 6.68
N LEU B 20 -9.05 14.89 7.48
CA LEU B 20 -9.16 13.49 7.04
C LEU B 20 -10.37 12.88 7.73
N THR B 21 -10.94 11.85 7.12
CA THR B 21 -12.05 11.06 7.70
C THR B 21 -11.65 9.58 7.67
N CYS B 22 -12.03 8.85 8.72
CA CYS B 22 -11.89 7.39 8.85
C CYS B 22 -13.29 6.76 8.77
N THR B 23 -13.54 5.94 7.75
CA THR B 23 -14.79 5.15 7.67
C THR B 23 -14.48 3.71 8.10
N VAL B 24 -15.26 3.21 9.05
CA VAL B 24 -15.06 1.92 9.76
C VAL B 24 -16.21 0.99 9.33
N SER B 25 -15.90 -0.30 9.16
CA SER B 25 -16.88 -1.39 8.90
C SER B 25 -16.49 -2.65 9.67
N GLY B 26 -17.48 -3.42 10.12
CA GLY B 26 -17.29 -4.72 10.79
C GLY B 26 -17.08 -4.57 12.28
N PHE B 27 -17.26 -3.37 12.80
CA PHE B 27 -17.21 -3.11 14.27
C PHE B 27 -17.79 -1.72 14.51
N SER B 28 -18.21 -1.51 15.76
CA SER B 28 -18.81 -0.26 16.24
C SER B 28 -17.70 0.61 16.83
N ILE B 29 -17.73 1.89 16.48
CA ILE B 29 -16.85 2.98 17.04
C ILE B 29 -17.03 3.03 18.56
N THR B 30 -18.22 2.64 19.07
CA THR B 30 -18.58 2.59 20.52
C THR B 30 -18.13 1.28 21.18
N SER B 31 -17.54 0.33 20.45
CA SER B 31 -16.99 -0.91 21.05
C SER B 31 -15.45 -0.87 21.07
N ASP B 32 -14.81 -0.36 20.00
CA ASP B 32 -13.33 -0.26 19.89
C ASP B 32 -12.90 1.20 19.69
N GLY B 33 -11.71 1.54 20.20
CA GLY B 33 -11.03 2.83 19.97
C GLY B 33 -10.52 2.97 18.54
N VAL B 34 -10.31 4.20 18.09
CA VAL B 34 -9.70 4.54 16.78
C VAL B 34 -8.50 5.45 17.01
N LEU B 35 -7.35 5.09 16.43
CA LEU B 35 -6.05 5.78 16.56
C LEU B 35 -5.70 6.43 15.23
N TRP B 36 -5.00 7.57 15.26
CA TRP B 36 -4.31 8.15 14.10
C TRP B 36 -2.80 8.05 14.29
N VAL B 37 -2.11 7.56 13.27
CA VAL B 37 -0.63 7.48 13.23
C VAL B 37 -0.23 8.12 11.90
N ARG B 38 0.97 8.70 11.83
CA ARG B 38 1.48 9.26 10.55
C ARG B 38 2.95 8.93 10.37
N GLN B 39 3.42 9.06 9.15
CA GLN B 39 4.79 8.67 8.75
C GLN B 39 5.20 9.60 7.60
N ALA B 40 6.06 10.55 7.92
CA ALA B 40 6.75 11.42 6.93
C ALA B 40 7.73 10.55 6.15
N PRO B 41 8.02 10.93 4.88
CA PRO B 41 8.87 10.13 4.00
C PRO B 41 10.27 9.85 4.60
N GLY B 42 10.67 8.58 4.57
CA GLY B 42 11.93 8.06 5.17
C GLY B 42 12.01 8.32 6.67
N LYS B 43 10.89 8.39 7.39
CA LYS B 43 10.89 8.67 8.85
C LYS B 43 10.21 7.53 9.62
N ALA B 44 10.29 7.62 10.94
CA ALA B 44 9.59 6.73 11.90
C ALA B 44 8.10 7.04 11.95
N LEU B 45 7.32 6.06 12.38
CA LEU B 45 5.90 6.20 12.81
C LEU B 45 5.82 7.22 13.93
N GLU B 46 4.79 8.05 13.93
CA GLU B 46 4.53 9.04 15.01
C GLU B 46 3.04 9.02 15.35
N TRP B 47 2.73 8.70 16.59
CA TRP B 47 1.35 8.75 17.12
C TRP B 47 0.82 10.16 16.96
N VAL B 48 -0.43 10.33 16.55
CA VAL B 48 -1.08 11.65 16.36
C VAL B 48 -2.10 11.87 17.48
N GLY B 49 -3.06 10.98 17.64
CA GLY B 49 -4.06 11.04 18.73
C GLY B 49 -4.96 9.83 18.71
N ALA B 50 -5.89 9.71 19.65
CA ALA B 50 -6.84 8.57 19.74
C ALA B 50 -8.20 9.06 20.21
N ILE B 51 -9.26 8.36 19.85
CA ILE B 51 -10.62 8.57 20.40
C ILE B 51 -11.15 7.20 20.83
N TYR B 52 -11.63 7.08 22.06
CA TYR B 52 -12.07 5.80 22.66
C TYR B 52 -13.59 5.67 22.59
N GLN B 53 -14.11 4.63 23.25
CA GLN B 53 -15.50 4.11 23.08
C GLN B 53 -16.49 5.14 23.62
N ASN B 54 -16.10 5.91 24.65
CA ASN B 54 -16.90 7.01 25.24
C ASN B 54 -16.60 8.33 24.50
N GLY B 55 -15.76 8.33 23.47
CA GLY B 55 -15.47 9.56 22.72
C GLY B 55 -14.39 10.39 23.38
N ALA B 56 -13.80 9.89 24.47
CA ALA B 56 -12.66 10.50 25.19
C ALA B 56 -11.46 10.60 24.25
N THR B 57 -10.82 11.75 24.20
CA THR B 57 -9.72 12.02 23.26
C THR B 57 -8.37 12.14 23.99
N TYR B 58 -7.30 11.78 23.28
CA TYR B 58 -5.91 11.84 23.77
C TYR B 58 -5.05 12.27 22.59
N TYR B 59 -4.19 13.28 22.77
CA TYR B 59 -3.36 13.87 21.71
C TYR B 59 -1.89 13.72 22.07
N ASN B 60 -1.07 13.68 21.02
CA ASN B 60 0.40 13.82 21.05
C ASN B 60 0.73 15.23 21.50
N PRO B 61 1.39 15.42 22.66
CA PRO B 61 1.68 16.76 23.19
C PRO B 61 2.27 17.73 22.15
N ALA B 62 3.12 17.25 21.24
CA ALA B 62 3.81 18.07 20.22
C ALA B 62 2.83 18.61 19.15
N LEU B 63 1.64 18.03 18.99
CA LEU B 63 0.66 18.39 17.93
C LEU B 63 -0.61 18.96 18.57
N LYS B 64 -0.72 18.90 19.90
CA LYS B 64 -1.98 19.17 20.66
C LYS B 64 -2.53 20.57 20.36
N SER B 65 -1.66 21.56 20.21
CA SER B 65 -2.06 22.97 19.94
C SER B 65 -2.81 23.07 18.62
N ARG B 66 -2.67 22.07 17.72
CA ARG B 66 -3.20 22.12 16.33
C ARG B 66 -4.17 20.97 16.02
N LEU B 67 -4.52 20.10 16.98
CA LEU B 67 -5.31 18.87 16.73
C LEU B 67 -6.76 18.97 17.24
N SER B 68 -7.70 18.52 16.43
CA SER B 68 -9.08 18.17 16.83
C SER B 68 -9.43 16.77 16.31
N ILE B 69 -9.80 15.81 17.15
CA ILE B 69 -10.35 14.49 16.71
C ILE B 69 -11.80 14.43 17.18
N THR B 70 -12.73 14.06 16.30
CA THR B 70 -14.18 13.93 16.62
C THR B 70 -14.72 12.64 16.02
N ARG B 71 -15.96 12.30 16.34
CA ARG B 71 -16.58 11.03 15.93
C ARG B 71 -18.03 11.35 15.54
N ASP B 72 -18.56 10.61 14.55
CA ASP B 72 -20.01 10.50 14.26
C ASP B 72 -20.40 9.02 14.33
N THR B 73 -20.92 8.57 15.48
CA THR B 73 -21.19 7.13 15.77
C THR B 73 -22.21 6.57 14.75
N SER B 74 -23.26 7.35 14.43
CA SER B 74 -24.36 6.98 13.50
C SER B 74 -23.83 6.68 12.08
N LYS B 75 -22.68 7.23 11.66
CA LYS B 75 -22.12 6.99 10.31
C LYS B 75 -20.83 6.17 10.38
N SER B 76 -20.46 5.66 11.55
CA SER B 76 -19.18 4.92 11.75
C SER B 76 -18.00 5.76 11.24
N GLN B 77 -17.88 7.02 11.67
CA GLN B 77 -16.82 7.94 11.15
C GLN B 77 -16.08 8.63 12.31
N VAL B 78 -14.75 8.69 12.17
CA VAL B 78 -13.81 9.44 13.04
C VAL B 78 -13.11 10.45 12.14
N SER B 79 -13.06 11.71 12.59
CA SER B 79 -12.51 12.85 11.83
C SER B 79 -11.26 13.37 12.54
N LEU B 80 -10.21 13.58 11.76
CA LEU B 80 -9.01 14.33 12.17
C LEU B 80 -9.06 15.70 11.46
N SER B 81 -8.81 16.76 12.22
CA SER B 81 -8.40 18.10 11.72
C SER B 81 -7.04 18.47 12.34
N LEU B 82 -6.08 18.81 11.49
CA LEU B 82 -4.79 19.39 11.88
C LEU B 82 -4.70 20.78 11.24
N SER B 83 -4.61 21.84 12.06
CA SER B 83 -4.54 23.25 11.57
C SER B 83 -3.07 23.69 11.46
N SER B 84 -2.85 24.83 10.78
CA SER B 84 -1.56 25.55 10.69
C SER B 84 -0.46 24.62 10.14
N VAL B 85 -0.79 23.84 9.11
CA VAL B 85 0.12 22.82 8.52
C VAL B 85 1.26 23.52 7.77
N THR B 86 2.47 22.99 7.91
CA THR B 86 3.68 23.34 7.12
C THR B 86 4.08 22.07 6.35
N THR B 87 5.21 22.09 5.64
CA THR B 87 5.66 20.91 4.86
C THR B 87 6.08 19.78 5.81
N GLU B 88 6.38 20.12 7.08
CA GLU B 88 6.74 19.15 8.17
C GLU B 88 5.56 18.22 8.49
N ASP B 89 4.34 18.53 8.04
CA ASP B 89 3.13 17.72 8.30
C ASP B 89 2.80 16.83 7.08
N THR B 90 3.56 16.91 5.98
CA THR B 90 3.48 15.95 4.84
C THR B 90 3.79 14.54 5.34
N ALA B 91 2.94 13.55 5.08
CA ALA B 91 3.10 12.19 5.62
C ALA B 91 2.04 11.24 5.08
N VAL B 92 2.24 9.93 5.24
CA VAL B 92 1.09 8.97 5.11
C VAL B 92 0.39 8.96 6.46
N TYR B 93 -0.92 9.22 6.46
CA TYR B 93 -1.79 9.19 7.65
C TYR B 93 -2.50 7.84 7.69
N TYR B 94 -2.31 7.12 8.80
CA TYR B 94 -2.90 5.79 9.03
C TYR B 94 -4.04 5.92 10.04
N CYS B 95 -5.12 5.21 9.74
CA CYS B 95 -6.22 4.86 10.65
C CYS B 95 -5.91 3.51 11.26
N ALA B 96 -6.23 3.27 12.54
CA ALA B 96 -6.12 1.94 13.18
C ALA B 96 -7.10 1.80 14.35
N ARG B 97 -7.57 0.58 14.56
CA ARG B 97 -8.43 0.16 15.69
C ARG B 97 -7.55 -0.14 16.92
N ASP B 98 -8.02 0.26 18.10
CA ASP B 98 -7.42 -0.10 19.42
C ASP B 98 -8.45 -0.85 20.25
N THR B 99 -8.23 -2.14 20.46
CA THR B 99 -9.21 -3.08 21.05
C THR B 99 -8.90 -3.29 22.53
N ASP B 100 -9.85 -3.85 23.28
CA ASP B 100 -9.65 -4.25 24.69
C ASP B 100 -8.57 -5.34 24.76
N TYR B 101 -8.68 -6.42 23.98
CA TYR B 101 -7.96 -7.70 24.26
C TYR B 101 -7.00 -8.10 23.14
N ASP B 102 -6.99 -7.39 22.00
CA ASP B 102 -6.29 -7.83 20.77
C ASP B 102 -5.24 -6.79 20.34
N GLY B 103 -5.13 -5.67 21.06
CA GLY B 103 -4.18 -4.57 20.78
C GLY B 103 -4.59 -3.77 19.55
N MET B 104 -3.65 -3.05 18.95
CA MET B 104 -3.87 -2.23 17.72
C MET B 104 -3.71 -3.11 16.49
N ASP B 105 -4.73 -3.92 16.20
CA ASP B 105 -4.64 -5.09 15.30
C ASP B 105 -4.94 -4.72 13.84
N VAL B 106 -5.89 -3.82 13.55
CA VAL B 106 -6.34 -3.57 12.17
C VAL B 106 -6.05 -2.12 11.78
N TRP B 107 -5.46 -1.93 10.61
CA TRP B 107 -4.96 -0.64 10.08
C TRP B 107 -5.61 -0.37 8.73
N GLY B 108 -5.91 0.90 8.43
CA GLY B 108 -6.18 1.35 7.06
C GLY B 108 -4.91 1.28 6.26
N ARG B 109 -4.98 1.43 4.94
CA ARG B 109 -3.80 1.25 4.05
C ARG B 109 -3.01 2.56 3.95
N GLY B 110 -3.55 3.67 4.45
CA GLY B 110 -2.86 4.97 4.58
C GLY B 110 -3.18 5.94 3.44
N LEU B 111 -3.25 7.24 3.71
CA LEU B 111 -3.45 8.29 2.68
C LEU B 111 -2.20 9.19 2.70
N LEU B 112 -1.49 9.35 1.59
CA LEU B 112 -0.38 10.32 1.53
C LEU B 112 -0.99 11.71 1.36
N VAL B 113 -0.67 12.60 2.31
CA VAL B 113 -1.03 14.04 2.28
C VAL B 113 0.27 14.85 2.21
N THR B 114 0.35 15.67 1.16
CA THR B 114 1.44 16.61 0.86
C THR B 114 0.95 18.03 1.18
N VAL B 115 1.75 18.78 1.92
CA VAL B 115 1.53 20.22 2.19
C VAL B 115 2.50 20.98 1.29
N SER B 116 1.99 21.63 0.22
CA SER B 116 2.78 22.38 -0.79
C SER B 116 2.10 23.72 -1.18
N GLN B 133 7.57 14.13 25.46
CA GLN B 133 8.96 14.40 24.96
C GLN B 133 9.75 13.08 24.89
N ALA B 134 9.64 12.22 25.91
CA ALA B 134 10.45 10.98 26.12
C ALA B 134 10.42 10.12 24.84
N VAL B 135 11.51 9.41 24.53
CA VAL B 135 11.71 8.72 23.22
C VAL B 135 12.29 7.31 23.42
N LEU B 136 12.05 6.42 22.44
CA LEU B 136 12.45 4.99 22.45
C LEU B 136 13.53 4.73 21.39
N THR B 137 14.71 4.32 21.85
CA THR B 137 15.93 4.04 21.06
C THR B 137 15.85 2.63 20.48
N GLN B 138 16.05 2.49 19.16
CA GLN B 138 16.24 1.18 18.48
C GLN B 138 17.51 1.25 17.62
N PRO B 139 18.30 0.15 17.52
CA PRO B 139 19.38 0.07 16.55
C PRO B 139 18.83 0.29 15.14
N SER B 140 19.58 0.97 14.28
CA SER B 140 19.09 1.36 12.93
C SER B 140 18.90 0.10 12.08
N SER B 141 19.74 -0.92 12.28
CA SER B 141 19.88 -2.09 11.38
C SER B 141 20.22 -3.35 12.17
N VAL B 142 19.67 -4.48 11.73
CA VAL B 142 20.01 -5.84 12.20
C VAL B 142 19.96 -6.71 10.95
N SER B 143 20.65 -7.85 10.97
CA SER B 143 20.67 -8.78 9.81
C SER B 143 20.88 -10.23 10.29
N GLY B 144 20.65 -11.19 9.41
CA GLY B 144 20.65 -12.62 9.74
C GLY B 144 20.45 -13.50 8.54
N SER B 145 20.99 -14.73 8.60
CA SER B 145 20.84 -15.79 7.58
C SER B 145 19.46 -16.42 7.76
N LEU B 146 18.95 -17.12 6.76
CA LEU B 146 17.69 -17.90 6.89
C LEU B 146 17.85 -18.89 8.04
N GLY B 147 16.83 -19.05 8.89
CA GLY B 147 16.78 -20.06 9.97
C GLY B 147 17.36 -19.57 11.29
N GLN B 148 18.05 -18.44 11.24
CA GLN B 148 18.78 -17.84 12.39
C GLN B 148 17.80 -17.17 13.35
N SER B 149 18.19 -17.08 14.62
CA SER B 149 17.58 -16.21 15.65
C SER B 149 18.09 -14.80 15.49
N VAL B 150 17.22 -13.80 15.66
CA VAL B 150 17.60 -12.37 15.65
C VAL B 150 16.85 -11.67 16.79
N SER B 151 17.51 -10.72 17.45
CA SER B 151 16.94 -9.90 18.56
C SER B 151 17.02 -8.41 18.25
N ILE B 152 15.95 -7.68 18.59
CA ILE B 152 15.84 -6.20 18.47
C ILE B 152 15.36 -5.68 19.82
N THR B 153 16.11 -4.75 20.42
CA THR B 153 15.80 -4.13 21.74
C THR B 153 15.37 -2.66 21.51
N CYS B 154 14.34 -2.20 22.21
CA CYS B 154 14.00 -0.75 22.34
C CYS B 154 14.19 -0.38 23.81
N SER B 155 14.92 0.71 24.05
CA SER B 155 15.17 1.30 25.40
C SER B 155 14.27 2.53 25.59
N GLY B 156 13.66 2.64 26.77
CA GLY B 156 12.86 3.81 27.18
C GLY B 156 13.22 4.23 28.59
N SER B 157 12.20 4.49 29.40
CA SER B 157 12.32 5.00 30.80
C SER B 157 11.26 4.33 31.68
N SER B 158 11.34 4.61 32.99
CA SER B 158 10.35 4.16 34.00
C SER B 158 8.93 4.59 33.62
N SER B 159 8.78 5.59 32.74
CA SER B 159 7.49 6.26 32.42
C SER B 159 6.75 5.52 31.29
N ASN B 160 7.48 4.85 30.39
CA ASN B 160 6.93 4.18 29.17
C ASN B 160 7.17 2.66 29.27
N VAL B 161 8.30 2.15 28.75
CA VAL B 161 8.54 0.68 28.62
C VAL B 161 8.61 0.05 30.01
N GLY B 162 9.10 0.77 31.02
CA GLY B 162 9.19 0.27 32.41
C GLY B 162 7.88 0.39 33.18
N TYR B 163 6.95 1.23 32.71
CA TYR B 163 5.72 1.65 33.46
C TYR B 163 4.72 0.51 33.61
N GLY B 164 4.95 -0.62 32.94
CA GLY B 164 4.08 -1.81 33.01
C GLY B 164 4.02 -2.55 31.68
N ASN B 165 2.98 -3.35 31.48
CA ASN B 165 2.88 -4.31 30.34
C ASN B 165 2.04 -3.68 29.22
N TYR B 166 2.58 -2.65 28.56
CA TYR B 166 1.87 -1.79 27.56
C TYR B 166 2.70 -1.63 26.29
N VAL B 167 3.54 -2.60 25.96
CA VAL B 167 4.51 -2.48 24.84
C VAL B 167 3.99 -3.30 23.67
N SER B 168 4.05 -2.71 22.48
CA SER B 168 3.67 -3.32 21.18
C SER B 168 4.90 -3.37 20.28
N TRP B 169 4.93 -4.31 19.36
CA TRP B 169 5.89 -4.36 18.24
C TRP B 169 5.13 -4.38 16.93
N PHE B 170 5.60 -3.66 15.92
CA PHE B 170 4.99 -3.67 14.57
C PHE B 170 6.05 -3.98 13.53
N GLN B 171 5.59 -4.60 12.45
CA GLN B 171 6.33 -4.91 11.22
C GLN B 171 5.76 -4.02 10.12
N GLN B 172 6.62 -3.40 9.35
CA GLN B 172 6.20 -2.60 8.19
C GLN B 172 7.14 -2.90 7.05
N VAL B 173 6.61 -3.51 5.98
CA VAL B 173 7.23 -3.50 4.62
C VAL B 173 6.99 -2.10 4.03
N PRO B 174 8.02 -1.25 3.86
CA PRO B 174 7.79 0.14 3.48
C PRO B 174 6.89 0.20 2.22
N GLY B 175 6.02 1.24 2.20
CA GLY B 175 4.86 1.38 1.30
C GLY B 175 3.68 0.53 1.75
N SER B 176 3.50 0.31 3.05
CA SER B 176 2.40 -0.53 3.59
C SER B 176 2.10 -0.18 5.06
N ALA B 177 0.82 -0.35 5.43
CA ALA B 177 0.31 -0.18 6.80
C ALA B 177 1.07 -1.14 7.71
N PRO B 178 1.49 -0.69 8.91
CA PRO B 178 2.16 -1.58 9.84
C PRO B 178 1.24 -2.74 10.27
N LYS B 179 1.87 -3.81 10.76
CA LYS B 179 1.17 -5.04 11.15
C LYS B 179 1.55 -5.35 12.60
N LEU B 180 0.58 -5.44 13.50
CA LEU B 180 0.82 -5.76 14.93
C LEU B 180 1.48 -7.14 15.03
N LEU B 181 2.52 -7.28 15.83
CA LEU B 181 3.24 -8.57 16.05
C LEU B 181 2.93 -9.06 17.45
N ILE B 182 3.13 -8.17 18.43
CA ILE B 182 3.18 -8.42 19.90
C ILE B 182 2.44 -7.27 20.56
N TYR B 183 1.65 -7.55 21.58
CA TYR B 183 0.95 -6.53 22.40
C TYR B 183 1.12 -6.96 23.86
N GLY B 184 0.98 -6.03 24.80
CA GLY B 184 1.19 -6.29 26.23
C GLY B 184 2.51 -6.98 26.50
N ALA B 185 3.55 -6.54 25.77
CA ALA B 185 4.98 -6.91 25.94
C ALA B 185 5.23 -8.35 25.44
N THR B 186 4.33 -9.30 25.74
CA THR B 186 4.58 -10.76 25.56
C THR B 186 3.53 -11.45 24.71
N SER B 187 2.30 -10.94 24.63
CA SER B 187 1.18 -11.61 23.90
C SER B 187 1.40 -11.53 22.39
N ARG B 188 1.26 -12.65 21.70
CA ARG B 188 1.35 -12.71 20.22
C ARG B 188 -0.02 -12.35 19.64
N ALA B 189 -0.06 -11.40 18.71
CA ALA B 189 -1.28 -11.01 17.97
C ALA B 189 -1.80 -12.21 17.16
N SER B 190 -3.11 -12.25 16.99
CA SER B 190 -3.85 -13.29 16.24
C SER B 190 -3.32 -13.35 14.79
N GLY B 191 -2.96 -14.54 14.31
CA GLY B 191 -2.47 -14.75 12.94
C GLY B 191 -0.97 -14.51 12.81
N VAL B 192 -0.28 -14.18 13.88
CA VAL B 192 1.18 -13.95 13.85
C VAL B 192 1.89 -15.28 14.07
N PRO B 193 2.80 -15.67 13.15
CA PRO B 193 3.57 -16.90 13.32
C PRO B 193 4.27 -16.87 14.69
N ASP B 194 4.51 -18.02 15.30
CA ASP B 194 5.02 -18.09 16.70
C ASP B 194 6.55 -18.04 16.74
N ARG B 195 7.24 -17.85 15.62
CA ARG B 195 8.67 -17.46 15.67
C ARG B 195 8.85 -16.02 16.20
N PHE B 196 7.80 -15.20 16.30
CA PHE B 196 7.90 -13.87 16.95
C PHE B 196 7.64 -14.04 18.44
N SER B 197 8.51 -13.49 19.29
CA SER B 197 8.35 -13.40 20.76
C SER B 197 8.71 -12.01 21.26
N GLY B 198 8.00 -11.57 22.28
CA GLY B 198 8.33 -10.35 23.03
C GLY B 198 8.72 -10.73 24.43
N SER B 199 9.77 -10.09 24.96
CA SER B 199 10.15 -10.13 26.39
C SER B 199 10.44 -8.70 26.81
N ARG B 200 10.61 -8.47 28.12
CA ARG B 200 10.78 -7.12 28.66
C ARG B 200 11.56 -7.23 29.97
N SER B 201 12.72 -6.56 30.02
CA SER B 201 13.64 -6.51 31.19
C SER B 201 13.69 -5.08 31.74
N GLY B 202 12.72 -4.75 32.62
CA GLY B 202 12.55 -3.40 33.21
C GLY B 202 12.35 -2.33 32.14
N ASN B 203 13.39 -1.53 31.89
CA ASN B 203 13.36 -0.34 30.99
C ASN B 203 13.66 -0.71 29.53
N THR B 204 13.75 -2.00 29.22
CA THR B 204 14.11 -2.50 27.88
C THR B 204 13.13 -3.61 27.46
N ALA B 205 12.67 -3.56 26.22
CA ALA B 205 11.81 -4.58 25.58
C ALA B 205 12.54 -5.15 24.36
N THR B 206 12.32 -6.44 24.11
CA THR B 206 13.06 -7.22 23.10
C THR B 206 12.10 -8.11 22.30
N LEU B 207 12.13 -7.96 20.98
CA LEU B 207 11.47 -8.83 19.99
C LEU B 207 12.51 -9.82 19.49
N THR B 208 12.20 -11.11 19.57
CA THR B 208 13.05 -12.21 19.07
C THR B 208 12.35 -12.90 17.90
N ILE B 209 13.06 -13.08 16.80
CA ILE B 209 12.63 -13.93 15.67
C ILE B 209 13.54 -15.14 15.71
N SER B 210 13.02 -16.30 16.16
CA SER B 210 13.77 -17.57 16.36
C SER B 210 14.29 -18.13 15.03
N SER B 211 13.51 -18.08 13.95
CA SER B 211 13.87 -18.73 12.66
C SER B 211 13.55 -17.83 11.47
N LEU B 212 14.42 -16.85 11.24
CA LEU B 212 14.28 -15.81 10.20
C LEU B 212 13.82 -16.45 8.89
N GLN B 213 12.83 -15.85 8.21
CA GLN B 213 12.39 -16.23 6.84
C GLN B 213 12.51 -15.01 5.92
N ALA B 214 12.44 -15.22 4.60
CA ALA B 214 12.66 -14.19 3.55
C ALA B 214 11.66 -13.03 3.66
N GLU B 215 10.44 -13.25 4.12
CA GLU B 215 9.39 -12.19 4.18
C GLU B 215 9.41 -11.50 5.56
N ASP B 216 10.44 -11.75 6.38
CA ASP B 216 10.71 -11.04 7.65
C ASP B 216 11.57 -9.80 7.36
N GLU B 217 12.07 -9.66 6.14
CA GLU B 217 12.82 -8.46 5.69
C GLU B 217 11.87 -7.25 5.69
N ALA B 218 11.99 -6.37 6.68
CA ALA B 218 11.07 -5.25 6.94
C ALA B 218 11.66 -4.26 7.96
N ASP B 219 10.92 -3.19 8.25
CA ASP B 219 11.17 -2.26 9.38
C ASP B 219 10.34 -2.73 10.57
N TYR B 220 10.92 -2.69 11.77
CA TYR B 220 10.27 -3.10 13.04
C TYR B 220 10.23 -1.89 13.97
N TYR B 221 9.07 -1.67 14.58
CA TYR B 221 8.83 -0.53 15.49
C TYR B 221 8.32 -1.07 16.82
N CYS B 222 8.96 -0.61 17.90
CA CYS B 222 8.51 -0.69 19.29
C CYS B 222 7.49 0.42 19.51
N ALA B 223 6.45 0.19 20.29
CA ALA B 223 5.53 1.24 20.75
C ALA B 223 5.17 0.99 22.21
N SER B 224 5.01 2.06 22.98
CA SER B 224 4.72 2.01 24.43
C SER B 224 3.79 3.16 24.82
N GLY B 225 2.81 2.87 25.68
CA GLY B 225 2.08 3.90 26.46
C GLY B 225 3.07 4.65 27.34
N ASP B 226 2.88 5.96 27.53
CA ASP B 226 3.59 6.77 28.57
C ASP B 226 2.66 6.95 29.76
N SER B 227 3.19 7.40 30.90
CA SER B 227 2.43 7.89 32.08
C SER B 227 1.36 8.89 31.62
N GLY B 228 1.77 9.83 30.74
CA GLY B 228 0.97 10.97 30.25
C GLY B 228 -0.17 10.56 29.32
N SER B 229 -0.65 9.30 29.43
CA SER B 229 -1.76 8.68 28.66
C SER B 229 -1.59 8.89 27.15
N SER B 230 -0.34 9.09 26.70
CA SER B 230 0.07 9.18 25.27
C SER B 230 0.66 7.82 24.84
N LEU B 231 0.87 7.65 23.54
CA LEU B 231 1.57 6.48 22.96
C LEU B 231 2.85 6.99 22.29
N VAL B 232 3.93 6.25 22.42
CA VAL B 232 5.26 6.60 21.84
C VAL B 232 5.76 5.42 21.02
N PHE B 233 6.20 5.68 19.80
CA PHE B 233 6.89 4.73 18.90
C PHE B 233 8.39 4.88 19.02
N GLY B 234 9.14 3.82 18.67
CA GLY B 234 10.60 3.82 18.53
C GLY B 234 11.05 4.38 17.18
N SER B 235 12.38 4.51 17.02
CA SER B 235 13.10 5.04 15.83
C SER B 235 13.07 4.05 14.65
N GLY B 236 12.78 2.77 14.89
CA GLY B 236 12.64 1.77 13.81
C GLY B 236 13.91 0.98 13.58
N THR B 237 13.80 -0.27 13.12
CA THR B 237 14.94 -1.16 12.84
C THR B 237 14.70 -1.82 11.48
N ARG B 238 15.64 -1.62 10.54
CA ARG B 238 15.67 -2.28 9.21
C ARG B 238 16.30 -3.66 9.42
N LEU B 239 15.53 -4.72 9.16
CA LEU B 239 15.98 -6.13 9.20
C LEU B 239 16.29 -6.57 7.76
N THR B 240 17.55 -6.89 7.50
CA THR B 240 18.08 -7.51 6.26
C THR B 240 18.24 -9.02 6.48
N VAL B 241 17.90 -9.82 5.48
CA VAL B 241 18.12 -11.30 5.51
C VAL B 241 19.07 -11.64 4.37
N LEU B 242 20.12 -12.42 4.65
CA LEU B 242 21.27 -12.64 3.74
C LEU B 242 21.07 -13.97 3.01
N GLY B 243 20.79 -13.92 1.70
CA GLY B 243 20.29 -15.05 0.88
C GLY B 243 21.15 -16.28 1.04
#